data_7VQA
#
_entry.id   7VQA
#
_cell.length_a   111.848
_cell.length_b   81.567
_cell.length_c   60.044
_cell.angle_alpha   90.000
_cell.angle_beta   103.740
_cell.angle_gamma   90.000
#
_symmetry.space_group_name_H-M   'C 1 2 1'
#
loop_
_entity.id
_entity.type
_entity.pdbx_description
1 polymer Di-trans-poly-cis-decaprenylcistransferase
2 non-polymer 'DIMETHYLALLYL DIPHOSPHATE'
3 non-polymer 'MAGNESIUM ION'
4 non-polymer 'SULFATE ION'
5 water water
#
_entity_poly.entity_id   1
_entity_poly.type   'polypeptide(L)'
_entity_poly.pdbx_seq_one_letter_code
;MGGYFLDTPKFKRLPGHIAIIPDGNRRWALDRGLEKHEGYKHGIVPGLELYDICVKIGIGEVTFFGFTQDNTKRPQIQRK
AFVDACIKSVKELSKHDAELLVVGNTNSDMFPKELLAYTKRTKFGKGKVRINFLVNYGWYWDLTYAFENSSDSKKMIENI
ASAEIPRIDLLIRWGGRRRLSGMLPVQTVYSDIYVVDEMWPDFKPEHLFNALEFYQDQDITLGG
;
_entity_poly.pdbx_strand_id   A,B
#
loop_
_chem_comp.id
_chem_comp.type
_chem_comp.name
_chem_comp.formula
DMA non-polymer 'DIMETHYLALLYL DIPHOSPHATE' 'C5 H12 O7 P2'
MG non-polymer 'MAGNESIUM ION' 'Mg 2'
SO4 non-polymer 'SULFATE ION' 'O4 S -2'
#
# COMPACT_ATOMS: atom_id res chain seq x y z
N THR A 8 -10.05 -27.88 -3.01
CA THR A 8 -10.39 -26.50 -2.52
C THR A 8 -10.87 -26.56 -1.07
N PRO A 9 -10.21 -25.87 -0.12
CA PRO A 9 -10.73 -25.78 1.25
C PRO A 9 -12.17 -25.24 1.28
N LYS A 10 -12.88 -25.56 2.35
CA LYS A 10 -14.25 -25.05 2.60
C LYS A 10 -14.07 -23.67 3.25
N PHE A 11 -13.61 -22.71 2.44
CA PHE A 11 -13.43 -21.32 2.87
C PHE A 11 -14.73 -20.88 3.54
N LYS A 12 -14.65 -20.06 4.58
CA LYS A 12 -15.85 -19.48 5.22
C LYS A 12 -16.09 -18.12 4.58
N ARG A 13 -15.05 -17.58 3.96
CA ARG A 13 -15.07 -16.26 3.31
C ARG A 13 -14.05 -16.24 2.19
N LEU A 14 -14.34 -15.50 1.12
CA LEU A 14 -13.36 -15.24 0.05
C LEU A 14 -13.33 -13.73 -0.13
N PRO A 15 -12.21 -13.24 -0.68
CA PRO A 15 -12.17 -11.87 -1.15
C PRO A 15 -13.11 -11.73 -2.34
N GLY A 16 -13.83 -10.61 -2.39
CA GLY A 16 -14.60 -10.23 -3.58
C GLY A 16 -13.70 -9.88 -4.75
N HIS A 17 -12.56 -9.27 -4.46
CA HIS A 17 -11.69 -8.71 -5.50
C HIS A 17 -10.24 -8.93 -5.06
N ILE A 18 -9.49 -9.69 -5.86
CA ILE A 18 -8.05 -9.88 -5.63
C ILE A 18 -7.29 -9.10 -6.69
N ALA A 19 -6.22 -8.47 -6.28
CA ALA A 19 -5.21 -7.87 -7.16
C ALA A 19 -3.95 -8.73 -7.14
N ILE A 20 -3.34 -8.85 -8.31
CA ILE A 20 -2.16 -9.71 -8.55
C ILE A 20 -1.04 -8.80 -9.04
N ILE A 21 0.14 -8.91 -8.43
CA ILE A 21 1.35 -8.21 -8.92
C ILE A 21 2.32 -9.30 -9.34
N PRO A 22 2.38 -9.60 -10.65
CA PRO A 22 3.10 -10.78 -11.16
C PRO A 22 4.59 -10.43 -11.36
N ASP A 23 5.26 -10.08 -10.27
CA ASP A 23 6.64 -9.55 -10.32
C ASP A 23 7.66 -10.68 -10.34
N GLY A 24 8.86 -10.36 -10.85
CA GLY A 24 10.04 -11.24 -10.72
C GLY A 24 10.37 -11.99 -12.02
N ASN A 25 9.82 -11.61 -13.16
CA ASN A 25 10.08 -12.35 -14.41
C ASN A 25 11.56 -12.24 -14.84
N ARG A 26 12.19 -11.07 -14.73
CA ARG A 26 13.60 -10.90 -15.18
C ARG A 26 14.52 -11.70 -14.26
N ARG A 27 14.31 -11.62 -12.94
CA ARG A 27 15.12 -12.38 -11.99
C ARG A 27 14.98 -13.87 -12.30
N TRP A 28 13.74 -14.33 -12.54
CA TRP A 28 13.43 -15.75 -12.80
C TRP A 28 14.23 -16.21 -14.03
N ALA A 29 14.18 -15.43 -15.11
CA ALA A 29 14.91 -15.69 -16.37
C ALA A 29 16.42 -15.79 -16.09
N LEU A 30 17.00 -14.76 -15.46
CA LEU A 30 18.46 -14.75 -15.18
C LEU A 30 18.83 -16.01 -14.42
N ASP A 31 18.01 -16.41 -13.45
CA ASP A 31 18.33 -17.60 -12.63
C ASP A 31 18.38 -18.85 -13.49
N ARG A 32 17.61 -18.89 -14.59
CA ARG A 32 17.54 -20.04 -15.51
C ARG A 32 18.63 -19.89 -16.58
N GLY A 33 19.44 -18.82 -16.60
CA GLY A 33 20.46 -18.60 -17.65
C GLY A 33 19.92 -17.95 -18.91
N LEU A 34 18.67 -17.48 -18.90
CA LEU A 34 18.02 -16.78 -20.04
C LEU A 34 18.37 -15.29 -20.00
N GLU A 35 18.08 -14.58 -21.08
CA GLU A 35 18.15 -13.11 -21.10
C GLU A 35 16.98 -12.54 -20.30
N LYS A 36 17.14 -11.35 -19.73
CA LYS A 36 16.13 -10.75 -18.84
C LYS A 36 14.75 -10.73 -19.52
N HIS A 37 14.68 -10.38 -20.79
CA HIS A 37 13.40 -10.25 -21.54
C HIS A 37 12.71 -11.61 -21.77
N GLU A 38 13.40 -12.74 -21.58
CA GLU A 38 12.80 -14.06 -21.90
C GLU A 38 11.88 -14.56 -20.77
N GLY A 39 11.84 -13.89 -19.62
CA GLY A 39 11.00 -14.38 -18.50
C GLY A 39 9.52 -14.13 -18.78
N TYR A 40 9.19 -13.10 -19.54
CA TYR A 40 7.76 -12.65 -19.68
C TYR A 40 6.91 -13.76 -20.30
N LYS A 41 7.40 -14.45 -21.32
CA LYS A 41 6.58 -15.53 -21.94
C LYS A 41 6.29 -16.66 -20.93
N HIS A 42 7.11 -16.84 -19.89
CA HIS A 42 6.93 -17.87 -18.85
C HIS A 42 5.93 -17.40 -17.77
N GLY A 43 5.41 -16.18 -17.87
CA GLY A 43 4.42 -15.62 -16.92
C GLY A 43 3.01 -15.73 -17.46
N ILE A 44 2.82 -16.21 -18.69
CA ILE A 44 1.45 -16.32 -19.29
C ILE A 44 0.69 -17.50 -18.68
N VAL A 45 1.24 -18.71 -18.69
CA VAL A 45 0.51 -19.88 -18.16
C VAL A 45 0.21 -19.70 -16.67
N PRO A 46 1.10 -19.20 -15.80
CA PRO A 46 0.72 -18.89 -14.42
C PRO A 46 -0.57 -18.05 -14.27
N GLY A 47 -0.76 -17.05 -15.13
CA GLY A 47 -1.97 -16.22 -15.08
C GLY A 47 -3.19 -17.04 -15.40
N LEU A 48 -3.07 -17.90 -16.39
CA LEU A 48 -4.16 -18.81 -16.82
C LEU A 48 -4.45 -19.82 -15.71
N GLU A 49 -3.43 -20.34 -15.02
CA GLU A 49 -3.60 -21.28 -13.88
C GLU A 49 -4.32 -20.57 -12.74
N LEU A 50 -3.96 -19.32 -12.48
CA LEU A 50 -4.56 -18.51 -11.38
C LEU A 50 -6.02 -18.25 -11.76
N TYR A 51 -6.32 -17.87 -13.01
CA TYR A 51 -7.71 -17.72 -13.51
C TYR A 51 -8.47 -19.02 -13.21
N ASP A 52 -7.92 -20.17 -13.54
CA ASP A 52 -8.68 -21.45 -13.46
C ASP A 52 -8.99 -21.75 -11.98
N ILE A 53 -8.04 -21.49 -11.07
CA ILE A 53 -8.26 -21.67 -9.62
C ILE A 53 -9.38 -20.70 -9.17
N CYS A 54 -9.30 -19.43 -9.55
CA CYS A 54 -10.29 -18.40 -9.14
C CYS A 54 -11.69 -18.83 -9.57
N VAL A 55 -11.84 -19.34 -10.80
CA VAL A 55 -13.16 -19.81 -11.31
C VAL A 55 -13.61 -21.01 -10.47
N LYS A 56 -12.72 -21.94 -10.19
CA LYS A 56 -13.04 -23.18 -9.43
C LYS A 56 -13.51 -22.81 -8.02
N ILE A 57 -12.87 -21.86 -7.35
CA ILE A 57 -13.19 -21.61 -5.93
C ILE A 57 -14.24 -20.54 -5.76
N GLY A 58 -14.44 -19.67 -6.74
CA GLY A 58 -15.56 -18.71 -6.76
C GLY A 58 -15.13 -17.30 -6.48
N ILE A 59 -13.88 -16.96 -6.84
CA ILE A 59 -13.43 -15.54 -6.76
C ILE A 59 -14.13 -14.78 -7.88
N GLY A 60 -14.81 -13.68 -7.57
CA GLY A 60 -15.58 -12.94 -8.59
C GLY A 60 -14.77 -12.01 -9.49
N GLU A 61 -13.67 -11.45 -9.01
CA GLU A 61 -12.97 -10.38 -9.74
C GLU A 61 -11.47 -10.45 -9.40
N VAL A 62 -10.68 -10.33 -10.44
CA VAL A 62 -9.20 -10.37 -10.34
C VAL A 62 -8.65 -9.20 -11.16
N THR A 63 -7.74 -8.43 -10.59
CA THR A 63 -6.99 -7.41 -11.35
C THR A 63 -5.52 -7.78 -11.40
N PHE A 64 -4.98 -7.90 -12.60
CA PHE A 64 -3.54 -8.14 -12.86
C PHE A 64 -2.88 -6.82 -13.19
N PHE A 65 -1.74 -6.59 -12.54
CA PHE A 65 -0.80 -5.51 -12.88
C PHE A 65 0.00 -5.98 -14.10
N GLY A 66 -0.29 -5.44 -15.27
CA GLY A 66 0.43 -5.81 -16.50
C GLY A 66 1.75 -5.05 -16.60
N PHE A 67 1.70 -3.76 -16.90
CA PHE A 67 2.92 -2.92 -16.88
C PHE A 67 2.58 -1.46 -16.71
N THR A 68 3.54 -0.70 -16.18
CA THR A 68 3.40 0.73 -15.87
C THR A 68 4.00 1.56 -16.99
N GLN A 69 3.68 2.85 -16.98
CA GLN A 69 4.34 3.83 -17.87
C GLN A 69 5.85 3.84 -17.58
N ASP A 70 6.26 3.70 -16.33
CA ASP A 70 7.72 3.69 -15.98
C ASP A 70 8.38 2.43 -16.57
N ASN A 71 7.65 1.31 -16.65
CA ASN A 71 8.21 0.08 -17.26
C ASN A 71 8.59 0.30 -18.71
N THR A 72 7.87 1.14 -19.44
CA THR A 72 8.10 1.38 -20.90
C THR A 72 9.41 2.16 -21.12
N LYS A 73 10.07 2.62 -20.06
CA LYS A 73 11.40 3.27 -20.15
C LYS A 73 12.52 2.22 -20.16
N ARG A 74 12.18 0.96 -19.92
CA ARG A 74 13.11 -0.17 -19.98
C ARG A 74 13.60 -0.36 -21.42
N PRO A 75 14.71 -1.11 -21.62
CA PRO A 75 15.19 -1.32 -22.98
C PRO A 75 14.12 -1.91 -23.91
N GLN A 76 14.21 -1.55 -25.18
CA GLN A 76 13.21 -1.93 -26.21
C GLN A 76 12.97 -3.45 -26.18
N ILE A 77 14.02 -4.26 -26.08
CA ILE A 77 13.84 -5.72 -26.19
C ILE A 77 12.95 -6.21 -25.03
N GLN A 78 13.08 -5.60 -23.85
CA GLN A 78 12.26 -5.99 -22.66
C GLN A 78 10.82 -5.51 -22.86
N ARG A 79 10.66 -4.27 -23.29
CA ARG A 79 9.33 -3.65 -23.50
C ARG A 79 8.58 -4.46 -24.54
N LYS A 80 9.23 -4.80 -25.66
CA LYS A 80 8.55 -5.62 -26.68
C LYS A 80 8.12 -6.97 -26.10
N ALA A 81 8.94 -7.60 -25.26
CA ALA A 81 8.65 -8.93 -24.72
C ALA A 81 7.50 -8.86 -23.72
N PHE A 82 7.47 -7.85 -22.85
CA PHE A 82 6.43 -7.82 -21.78
C PHE A 82 5.10 -7.41 -22.41
N VAL A 83 5.15 -6.55 -23.40
CA VAL A 83 3.92 -6.10 -24.13
C VAL A 83 3.39 -7.33 -24.88
N ASP A 84 4.27 -8.05 -25.56
CA ASP A 84 3.85 -9.27 -26.28
C ASP A 84 3.19 -10.24 -25.30
N ALA A 85 3.80 -10.47 -24.14
CA ALA A 85 3.25 -11.43 -23.16
C ALA A 85 1.90 -10.91 -22.63
N CYS A 86 1.76 -9.61 -22.40
CA CYS A 86 0.47 -9.04 -21.91
C CYS A 86 -0.63 -9.28 -22.96
N ILE A 87 -0.34 -8.92 -24.20
CA ILE A 87 -1.30 -9.22 -25.30
C ILE A 87 -1.72 -10.70 -25.29
N LYS A 88 -0.78 -11.62 -25.24
CA LYS A 88 -1.05 -13.08 -25.30
C LYS A 88 -1.91 -13.49 -24.11
N SER A 89 -1.63 -12.95 -22.93
CA SER A 89 -2.40 -13.22 -21.70
C SER A 89 -3.88 -12.85 -21.91
N VAL A 90 -4.15 -11.64 -22.39
CA VAL A 90 -5.54 -11.14 -22.58
C VAL A 90 -6.23 -12.03 -23.60
N LYS A 91 -5.56 -12.32 -24.71
CA LYS A 91 -6.13 -13.16 -25.77
C LYS A 91 -6.40 -14.58 -25.29
N GLU A 92 -5.49 -15.19 -24.54
CA GLU A 92 -5.72 -16.53 -23.98
C GLU A 92 -6.93 -16.47 -23.05
N LEU A 93 -7.05 -15.44 -22.21
CA LEU A 93 -8.16 -15.40 -21.22
C LEU A 93 -9.50 -15.22 -21.95
N SER A 94 -9.51 -14.62 -23.13
CA SER A 94 -10.71 -14.37 -23.95
C SER A 94 -11.27 -15.69 -24.50
N LYS A 95 -10.53 -16.80 -24.39
CA LYS A 95 -10.98 -18.14 -24.80
C LYS A 95 -11.69 -18.85 -23.66
N HIS A 96 -11.69 -18.19 -22.51
CA HIS A 96 -12.34 -18.77 -21.31
C HIS A 96 -13.62 -17.99 -20.98
N ASP A 97 -14.09 -18.12 -19.77
CA ASP A 97 -15.38 -17.53 -19.34
C ASP A 97 -15.05 -16.29 -18.51
N ALA A 98 -14.40 -15.32 -19.10
CA ALA A 98 -13.91 -14.13 -18.37
C ALA A 98 -14.59 -12.90 -18.96
N GLU A 99 -14.97 -11.94 -18.12
CA GLU A 99 -15.40 -10.60 -18.59
C GLU A 99 -14.19 -9.69 -18.46
N LEU A 100 -13.52 -9.33 -19.56
CA LEU A 100 -12.17 -8.73 -19.54
C LEU A 100 -12.27 -7.21 -19.61
N LEU A 101 -11.47 -6.50 -18.86
CA LEU A 101 -11.34 -5.03 -19.04
C LEU A 101 -9.87 -4.67 -18.95
N VAL A 102 -9.37 -3.88 -19.90
CA VAL A 102 -8.02 -3.33 -19.87
C VAL A 102 -8.13 -1.86 -19.51
N VAL A 103 -7.32 -1.44 -18.54
CA VAL A 103 -7.27 -0.03 -18.11
C VAL A 103 -5.84 0.46 -18.29
N GLY A 104 -5.69 1.61 -18.90
CA GLY A 104 -4.36 2.26 -19.01
C GLY A 104 -4.37 3.45 -19.94
N ASN A 105 -3.23 4.12 -20.04
CA ASN A 105 -3.09 5.38 -20.82
C ASN A 105 -3.07 5.01 -22.30
N THR A 106 -4.22 5.18 -22.98
CA THR A 106 -4.32 4.82 -24.42
C THR A 106 -3.81 5.97 -25.30
N ASN A 107 -3.70 7.18 -24.76
CA ASN A 107 -3.17 8.39 -25.45
C ASN A 107 -1.65 8.35 -25.39
N SER A 108 -1.06 7.24 -25.74
CA SER A 108 0.38 6.96 -25.67
C SER A 108 0.73 5.98 -26.79
N ASP A 109 1.88 6.20 -27.42
CA ASP A 109 2.51 5.26 -28.36
C ASP A 109 2.81 3.93 -27.65
N MET A 110 2.92 3.95 -26.32
CA MET A 110 3.29 2.72 -25.57
C MET A 110 2.07 1.87 -25.27
N PHE A 111 0.82 2.33 -25.52
CA PHE A 111 -0.34 1.44 -25.32
C PHE A 111 -0.46 0.51 -26.52
N PRO A 112 -0.48 -0.83 -26.33
CA PRO A 112 -0.55 -1.74 -27.47
C PRO A 112 -1.92 -1.63 -28.15
N LYS A 113 -1.92 -1.38 -29.45
CA LYS A 113 -3.15 -1.17 -30.20
C LYS A 113 -4.02 -2.43 -30.15
N GLU A 114 -3.40 -3.60 -30.04
CA GLU A 114 -4.11 -4.91 -30.00
C GLU A 114 -5.03 -4.95 -28.76
N LEU A 115 -4.76 -4.15 -27.72
CA LEU A 115 -5.58 -4.25 -26.48
C LEU A 115 -6.59 -3.09 -26.40
N LEU A 116 -6.63 -2.14 -27.35
CA LEU A 116 -7.69 -1.11 -27.31
C LEU A 116 -9.12 -1.68 -27.28
N ALA A 117 -9.36 -2.81 -27.95
CA ALA A 117 -10.66 -3.52 -28.10
C ALA A 117 -11.21 -3.87 -26.72
N TYR A 118 -10.33 -4.07 -25.73
CA TYR A 118 -10.73 -4.55 -24.40
C TYR A 118 -10.79 -3.41 -23.38
N THR A 119 -10.84 -2.15 -23.81
CA THR A 119 -10.91 -0.98 -22.90
C THR A 119 -12.38 -0.68 -22.55
N LYS A 120 -13.27 -1.51 -23.09
CA LYS A 120 -14.67 -1.55 -22.65
C LYS A 120 -14.85 -3.00 -22.15
N ARG A 121 -15.40 -3.18 -20.95
CA ARG A 121 -15.52 -4.55 -20.38
C ARG A 121 -16.23 -5.44 -21.39
N THR A 122 -15.63 -6.59 -21.68
CA THR A 122 -16.15 -7.49 -22.73
C THR A 122 -16.33 -8.88 -22.14
N LYS A 123 -17.55 -9.40 -22.26
CA LYS A 123 -17.83 -10.73 -21.72
C LYS A 123 -17.50 -11.81 -22.76
N PHE A 124 -16.59 -12.70 -22.41
CA PHE A 124 -16.31 -13.89 -23.25
C PHE A 124 -16.96 -15.11 -22.60
N GLY A 125 -17.46 -16.07 -23.41
CA GLY A 125 -18.10 -17.28 -22.87
C GLY A 125 -19.16 -16.97 -21.84
N LYS A 126 -19.15 -17.68 -20.72
CA LYS A 126 -20.12 -17.55 -19.61
C LYS A 126 -19.78 -16.37 -18.68
N GLY A 127 -18.67 -15.63 -18.88
CA GLY A 127 -18.33 -14.49 -18.00
C GLY A 127 -18.38 -14.86 -16.51
N LYS A 128 -17.71 -15.93 -16.10
CA LYS A 128 -17.77 -16.42 -14.70
C LYS A 128 -16.92 -15.55 -13.75
N VAL A 129 -15.87 -14.91 -14.26
CA VAL A 129 -15.00 -14.04 -13.42
C VAL A 129 -14.75 -12.73 -14.18
N ARG A 130 -14.68 -11.63 -13.44
CA ARG A 130 -14.30 -10.33 -14.05
C ARG A 130 -12.78 -10.21 -13.90
N ILE A 131 -12.12 -9.94 -15.01
CA ILE A 131 -10.64 -9.87 -15.00
C ILE A 131 -10.31 -8.49 -15.55
N ASN A 132 -9.57 -7.74 -14.78
CA ASN A 132 -9.07 -6.42 -15.21
C ASN A 132 -7.55 -6.55 -15.41
N PHE A 133 -7.02 -5.80 -16.37
CA PHE A 133 -5.57 -5.73 -16.62
C PHE A 133 -5.13 -4.29 -16.71
N LEU A 134 -4.08 -3.92 -15.96
CA LEU A 134 -3.50 -2.58 -16.01
C LEU A 134 -2.35 -2.56 -17.01
N VAL A 135 -2.51 -1.78 -18.09
CA VAL A 135 -1.62 -1.83 -19.29
C VAL A 135 -1.22 -0.40 -19.60
N ASN A 136 0.05 -0.11 -19.53
CA ASN A 136 0.55 1.30 -19.64
C ASN A 136 -0.15 2.16 -18.61
N TYR A 137 -0.19 1.65 -17.38
CA TYR A 137 -0.88 2.23 -16.25
C TYR A 137 0.12 3.07 -15.47
N GLY A 138 -0.38 4.15 -14.92
CA GLY A 138 0.38 4.96 -13.94
C GLY A 138 -0.53 5.56 -12.91
N TRP A 139 -0.09 5.59 -11.65
CA TRP A 139 -1.00 6.09 -10.58
C TRP A 139 -1.30 7.57 -10.79
N TYR A 140 -0.33 8.35 -11.23
CA TYR A 140 -0.52 9.83 -11.35
C TYR A 140 -1.53 10.13 -12.48
N TRP A 141 -1.35 9.49 -13.65
CA TRP A 141 -2.30 9.46 -14.79
C TRP A 141 -3.71 9.09 -14.31
N ASP A 142 -3.79 8.08 -13.44
CA ASP A 142 -5.10 7.55 -12.97
C ASP A 142 -5.78 8.61 -12.11
N LEU A 143 -5.06 9.14 -11.12
CA LEU A 143 -5.71 10.07 -10.14
C LEU A 143 -6.05 11.38 -10.88
N THR A 144 -5.18 11.88 -11.75
CA THR A 144 -5.34 13.22 -12.41
C THR A 144 -6.36 13.19 -13.53
N TYR A 145 -6.71 12.01 -14.01
CA TYR A 145 -7.69 11.80 -15.10
C TYR A 145 -8.99 12.50 -14.73
N ALA A 146 -9.22 12.44 -13.44
CA ALA A 146 -10.37 12.97 -12.68
C ALA A 146 -10.36 14.51 -12.76
N ILE A 157 -13.21 11.97 -7.60
CA ILE A 157 -12.65 10.63 -7.27
C ILE A 157 -13.42 9.54 -8.01
N GLU A 158 -14.73 9.65 -8.25
CA GLU A 158 -15.55 8.64 -9.02
C GLU A 158 -15.18 8.63 -10.50
N ASN A 159 -14.40 9.59 -10.94
CA ASN A 159 -13.96 9.81 -12.34
C ASN A 159 -12.47 9.56 -12.52
N ILE A 160 -11.79 8.92 -11.57
CA ILE A 160 -10.42 8.43 -11.87
C ILE A 160 -10.45 7.53 -13.12
N ALA A 161 -9.32 7.39 -13.79
CA ALA A 161 -9.24 6.55 -15.01
C ALA A 161 -9.68 5.12 -14.69
N SER A 162 -9.32 4.62 -13.50
CA SER A 162 -9.59 3.21 -13.09
C SER A 162 -10.94 3.04 -12.39
N ALA A 163 -11.91 3.94 -12.59
CA ALA A 163 -13.15 4.00 -11.80
C ALA A 163 -13.92 2.70 -11.98
N GLU A 164 -13.79 2.01 -13.13
CA GLU A 164 -14.51 0.73 -13.34
C GLU A 164 -13.92 -0.43 -12.50
N ILE A 165 -12.81 -0.21 -11.82
CA ILE A 165 -12.13 -1.23 -10.99
C ILE A 165 -12.49 -0.95 -9.55
N PRO A 166 -13.17 -1.90 -8.85
CA PRO A 166 -13.63 -1.67 -7.49
C PRO A 166 -12.49 -1.81 -6.47
N ARG A 167 -12.82 -1.44 -5.25
CA ARG A 167 -11.97 -1.65 -4.08
C ARG A 167 -11.41 -3.09 -4.08
N ILE A 168 -10.12 -3.21 -3.79
CA ILE A 168 -9.42 -4.52 -3.71
C ILE A 168 -9.47 -5.03 -2.27
N ASP A 169 -9.89 -6.27 -2.06
CA ASP A 169 -9.90 -6.90 -0.69
C ASP A 169 -8.50 -7.42 -0.34
N LEU A 170 -7.86 -8.07 -1.30
CA LEU A 170 -6.62 -8.82 -1.07
C LEU A 170 -5.69 -8.59 -2.27
N LEU A 171 -4.48 -8.17 -1.99
CA LEU A 171 -3.45 -8.00 -3.03
C LEU A 171 -2.38 -9.04 -2.76
N ILE A 172 -2.03 -9.79 -3.78
CA ILE A 172 -1.00 -10.86 -3.70
C ILE A 172 0.11 -10.45 -4.66
N ARG A 173 1.32 -10.33 -4.12
CA ARG A 173 2.50 -9.98 -4.91
C ARG A 173 3.51 -11.12 -4.87
N TRP A 174 3.97 -11.53 -6.05
CA TRP A 174 5.08 -12.48 -6.24
C TRP A 174 6.39 -11.68 -6.34
N GLY A 175 7.51 -12.38 -6.14
CA GLY A 175 8.86 -11.80 -6.30
C GLY A 175 9.38 -11.14 -5.05
N GLY A 176 8.68 -11.23 -3.93
CA GLY A 176 9.27 -11.01 -2.60
C GLY A 176 9.37 -9.52 -2.22
N ARG A 177 9.00 -8.61 -3.12
CA ARG A 177 9.00 -7.17 -2.72
C ARG A 177 7.69 -6.81 -1.99
N ARG A 178 7.81 -6.12 -0.86
CA ARG A 178 6.65 -5.70 -0.05
C ARG A 178 6.32 -4.24 -0.37
N ARG A 179 5.66 -4.04 -1.52
CA ARG A 179 5.32 -2.68 -1.97
C ARG A 179 4.23 -2.76 -3.04
N LEU A 180 3.59 -1.64 -3.33
CA LEU A 180 2.45 -1.62 -4.29
C LEU A 180 2.89 -1.22 -5.70
N SER A 181 4.08 -0.64 -5.82
CA SER A 181 4.58 -0.17 -7.13
C SER A 181 3.49 0.71 -7.81
N GLY A 182 2.79 1.52 -7.01
CA GLY A 182 1.76 2.43 -7.53
C GLY A 182 0.59 1.73 -8.17
N MET A 183 0.27 0.51 -7.75
CA MET A 183 -0.96 -0.14 -8.24
C MET A 183 -2.18 0.49 -7.54
N LEU A 184 -3.00 1.21 -8.28
CA LEU A 184 -4.38 1.57 -7.90
C LEU A 184 -4.42 2.09 -6.47
N PRO A 185 -3.80 3.24 -6.21
CA PRO A 185 -3.75 3.75 -4.84
C PRO A 185 -5.13 3.94 -4.19
N VAL A 186 -6.15 4.33 -4.95
CA VAL A 186 -7.52 4.47 -4.39
C VAL A 186 -8.06 3.10 -3.97
N GLN A 187 -7.93 2.10 -4.82
CA GLN A 187 -8.55 0.78 -4.55
C GLN A 187 -7.75 -0.02 -3.50
N THR A 188 -6.49 0.30 -3.22
CA THR A 188 -5.60 -0.52 -2.35
C THR A 188 -5.54 0.09 -0.95
N VAL A 189 -6.26 1.18 -0.68
CA VAL A 189 -6.18 1.86 0.66
C VAL A 189 -6.31 0.89 1.84
N TYR A 190 -7.20 -0.11 1.77
CA TYR A 190 -7.51 -0.99 2.92
C TYR A 190 -7.20 -2.44 2.61
N SER A 191 -6.66 -2.75 1.43
CA SER A 191 -6.33 -4.13 1.01
C SER A 191 -5.35 -4.81 1.99
N ASP A 192 -5.66 -6.05 2.33
CA ASP A 192 -4.67 -6.94 2.97
C ASP A 192 -3.66 -7.36 1.91
N ILE A 193 -2.38 -7.37 2.29
CA ILE A 193 -1.28 -7.60 1.32
C ILE A 193 -0.55 -8.89 1.72
N TYR A 194 -0.41 -9.78 0.74
CA TYR A 194 0.24 -11.09 0.93
C TYR A 194 1.38 -11.13 -0.06
N VAL A 195 2.57 -11.51 0.38
CA VAL A 195 3.74 -11.46 -0.52
C VAL A 195 4.32 -12.87 -0.57
N VAL A 196 4.49 -13.34 -1.79
CA VAL A 196 5.08 -14.66 -2.12
C VAL A 196 6.53 -14.37 -2.48
N ASP A 197 7.49 -15.12 -1.91
CA ASP A 197 8.91 -14.82 -2.21
C ASP A 197 9.29 -15.36 -3.59
N GLU A 198 8.67 -16.44 -4.06
CA GLU A 198 9.02 -17.00 -5.40
C GLU A 198 8.67 -15.97 -6.48
N MET A 199 9.46 -15.94 -7.55
CA MET A 199 9.13 -15.14 -8.73
C MET A 199 7.84 -15.64 -9.39
N TRP A 200 7.15 -14.74 -10.06
CA TRP A 200 5.86 -15.01 -10.72
C TRP A 200 5.87 -16.28 -11.57
N PRO A 201 6.85 -16.53 -12.44
CA PRO A 201 6.83 -17.75 -13.26
C PRO A 201 6.87 -19.05 -12.47
N ASP A 202 7.22 -19.00 -11.18
CA ASP A 202 7.21 -20.17 -10.25
C ASP A 202 5.91 -20.18 -9.44
N PHE A 203 4.87 -19.47 -9.90
CA PHE A 203 3.49 -19.58 -9.39
C PHE A 203 3.14 -21.05 -9.12
N LYS A 204 2.55 -21.30 -7.97
CA LYS A 204 1.91 -22.59 -7.60
C LYS A 204 0.56 -22.31 -6.94
N PRO A 205 -0.45 -23.21 -7.06
CA PRO A 205 -1.75 -23.03 -6.41
C PRO A 205 -1.58 -22.71 -4.93
N GLU A 206 -0.60 -23.34 -4.26
CA GLU A 206 -0.47 -23.17 -2.81
C GLU A 206 -0.22 -21.69 -2.49
N HIS A 207 0.42 -20.92 -3.36
CA HIS A 207 0.64 -19.48 -3.11
C HIS A 207 -0.72 -18.76 -2.95
N LEU A 208 -1.65 -19.02 -3.85
CA LEU A 208 -3.02 -18.44 -3.79
C LEU A 208 -3.75 -18.99 -2.56
N PHE A 209 -3.70 -20.31 -2.33
CA PHE A 209 -4.41 -20.90 -1.16
C PHE A 209 -3.85 -20.32 0.14
N ASN A 210 -2.53 -20.19 0.28
CA ASN A 210 -1.89 -19.53 1.44
C ASN A 210 -2.41 -18.09 1.62
N ALA A 211 -2.52 -17.32 0.53
CA ALA A 211 -3.01 -15.94 0.59
C ALA A 211 -4.49 -15.92 1.05
N LEU A 212 -5.32 -16.84 0.54
CA LEU A 212 -6.76 -16.94 0.91
C LEU A 212 -6.92 -17.37 2.36
N GLU A 213 -6.11 -18.28 2.86
CA GLU A 213 -6.14 -18.64 4.30
C GLU A 213 -5.81 -17.43 5.15
N PHE A 214 -4.74 -16.73 4.82
CA PHE A 214 -4.36 -15.44 5.44
C PHE A 214 -5.56 -14.48 5.48
N TYR A 215 -6.18 -14.26 4.33
CA TYR A 215 -7.28 -13.30 4.20
C TYR A 215 -8.42 -13.67 5.16
N GLN A 216 -8.85 -14.91 5.16
CA GLN A 216 -10.03 -15.26 5.99
C GLN A 216 -9.64 -15.28 7.46
N ASP A 217 -8.36 -15.47 7.76
CA ASP A 217 -7.87 -15.41 9.17
C ASP A 217 -7.78 -13.96 9.68
N GLN A 218 -7.85 -12.94 8.81
CA GLN A 218 -7.80 -11.52 9.24
C GLN A 218 -9.16 -11.12 9.81
N PRO B 9 23.20 0.25 16.13
CA PRO B 9 23.70 -0.58 15.01
C PRO B 9 23.98 0.26 13.76
N LYS B 10 24.91 -0.19 12.93
CA LYS B 10 25.39 0.52 11.72
C LYS B 10 24.62 -0.05 10.53
N PHE B 11 24.16 0.81 9.63
CA PHE B 11 23.44 0.42 8.39
C PHE B 11 24.18 0.94 7.16
N LYS B 12 24.10 0.18 6.08
CA LYS B 12 24.67 0.47 4.75
C LYS B 12 23.83 1.53 4.05
N ARG B 13 22.52 1.51 4.27
CA ARG B 13 21.54 2.40 3.57
C ARG B 13 20.44 2.71 4.58
N LEU B 14 20.01 3.96 4.63
CA LEU B 14 18.93 4.38 5.57
C LEU B 14 17.86 5.05 4.71
N PRO B 15 16.57 4.83 5.06
CA PRO B 15 15.48 5.52 4.38
C PRO B 15 15.48 7.00 4.81
N GLY B 16 15.16 7.88 3.90
CA GLY B 16 15.01 9.32 4.19
C GLY B 16 13.77 9.59 5.03
N HIS B 17 12.72 8.79 4.83
CA HIS B 17 11.36 9.07 5.35
C HIS B 17 10.72 7.74 5.72
N ILE B 18 10.48 7.56 7.02
CA ILE B 18 9.80 6.36 7.54
C ILE B 18 8.38 6.77 7.96
N ALA B 19 7.39 5.95 7.59
CA ALA B 19 6.01 6.09 8.11
C ALA B 19 5.77 5.00 9.16
N ILE B 20 5.04 5.34 10.20
CA ILE B 20 4.75 4.47 11.34
C ILE B 20 3.24 4.30 11.46
N ILE B 21 2.79 3.07 11.53
CA ILE B 21 1.38 2.77 11.87
C ILE B 21 1.38 2.10 13.24
N PRO B 22 1.06 2.85 14.29
CA PRO B 22 1.16 2.35 15.67
C PRO B 22 -0.12 1.62 16.10
N ASP B 23 -0.39 0.51 15.42
CA ASP B 23 -1.61 -0.28 15.59
C ASP B 23 -1.48 -1.24 16.76
N GLY B 24 -2.62 -1.68 17.32
CA GLY B 24 -2.70 -2.80 18.28
C GLY B 24 -2.83 -2.37 19.73
N ASN B 25 -3.20 -1.11 20.00
CA ASN B 25 -3.30 -0.60 21.39
C ASN B 25 -4.43 -1.28 22.16
N ARG B 26 -5.58 -1.54 21.54
CA ARG B 26 -6.75 -2.11 22.22
C ARG B 26 -6.48 -3.59 22.49
N ARG B 27 -5.90 -4.31 21.53
CA ARG B 27 -5.57 -5.75 21.72
C ARG B 27 -4.53 -5.88 22.84
N TRP B 28 -3.54 -5.00 22.83
CA TRP B 28 -2.50 -4.95 23.87
C TRP B 28 -3.16 -4.79 25.25
N ALA B 29 -4.07 -3.83 25.39
CA ALA B 29 -4.75 -3.56 26.68
C ALA B 29 -5.52 -4.80 27.14
N LEU B 30 -6.33 -5.41 26.26
CA LEU B 30 -7.20 -6.56 26.63
C LEU B 30 -6.29 -7.72 27.03
N ASP B 31 -5.20 -7.92 26.31
CA ASP B 31 -4.25 -9.00 26.65
C ASP B 31 -3.71 -8.73 28.07
N ARG B 32 -3.47 -7.48 28.49
CA ARG B 32 -2.84 -7.17 29.81
C ARG B 32 -3.95 -7.19 30.89
N GLY B 33 -5.20 -7.49 30.53
CA GLY B 33 -6.36 -7.46 31.42
C GLY B 33 -6.90 -6.07 31.66
N LEU B 34 -6.51 -5.07 30.84
CA LEU B 34 -6.91 -3.66 31.02
C LEU B 34 -8.18 -3.36 30.22
N GLU B 35 -8.82 -2.23 30.46
CA GLU B 35 -9.98 -1.79 29.63
C GLU B 35 -9.48 -1.37 28.23
N LYS B 36 -10.31 -1.53 27.21
CA LYS B 36 -9.92 -1.31 25.79
C LYS B 36 -9.20 0.03 25.56
N HIS B 37 -9.60 1.09 26.23
CA HIS B 37 -9.11 2.48 26.04
C HIS B 37 -7.76 2.69 26.74
N GLU B 38 -7.29 1.77 27.59
CA GLU B 38 -6.12 2.03 28.47
C GLU B 38 -4.80 1.75 27.74
N GLY B 39 -4.83 1.17 26.54
CA GLY B 39 -3.60 0.91 25.77
C GLY B 39 -2.92 2.17 25.25
N TYR B 40 -3.69 3.23 24.95
CA TYR B 40 -3.21 4.41 24.21
C TYR B 40 -2.17 5.17 25.03
N LYS B 41 -2.38 5.32 26.35
CA LYS B 41 -1.37 6.06 27.16
C LYS B 41 -0.04 5.32 27.13
N HIS B 42 -0.07 4.00 26.93
CA HIS B 42 1.12 3.13 26.88
C HIS B 42 1.75 3.14 25.47
N GLY B 43 1.18 3.90 24.54
CA GLY B 43 1.73 4.09 23.19
C GLY B 43 2.57 5.34 23.09
N ILE B 44 2.63 6.18 24.13
CA ILE B 44 3.34 7.50 24.04
C ILE B 44 4.86 7.27 24.10
N VAL B 45 5.33 6.55 25.13
CA VAL B 45 6.79 6.33 25.34
C VAL B 45 7.36 5.57 24.16
N PRO B 46 6.73 4.51 23.62
CA PRO B 46 7.22 3.91 22.37
C PRO B 46 7.52 4.94 21.26
N GLY B 47 6.64 5.91 21.05
CA GLY B 47 6.83 7.02 20.08
C GLY B 47 8.06 7.86 20.36
N LEU B 48 8.28 8.22 21.63
CA LEU B 48 9.45 9.04 22.04
C LEU B 48 10.73 8.21 21.87
N GLU B 49 10.66 6.92 22.20
CA GLU B 49 11.83 6.01 22.06
C GLU B 49 12.21 5.90 20.57
N LEU B 50 11.20 5.75 19.71
CA LEU B 50 11.46 5.64 18.26
C LEU B 50 12.10 6.93 17.77
N TYR B 51 11.55 8.05 18.19
CA TYR B 51 12.11 9.36 17.81
C TYR B 51 13.58 9.43 18.25
N ASP B 52 13.84 9.06 19.50
CA ASP B 52 15.23 9.10 20.02
C ASP B 52 16.16 8.26 19.14
N ILE B 53 15.73 7.04 18.82
CA ILE B 53 16.57 6.14 17.97
C ILE B 53 16.79 6.79 16.60
N CYS B 54 15.72 7.36 16.04
CA CYS B 54 15.82 7.99 14.70
C CYS B 54 16.84 9.14 14.75
N VAL B 55 16.79 9.95 15.80
CA VAL B 55 17.74 11.10 15.91
C VAL B 55 19.15 10.51 15.98
N LYS B 56 19.35 9.48 16.80
CA LYS B 56 20.68 8.84 16.97
C LYS B 56 21.18 8.29 15.63
N ILE B 57 20.36 7.51 14.94
CA ILE B 57 20.86 6.82 13.72
C ILE B 57 20.84 7.81 12.55
N GLY B 58 20.05 8.88 12.57
CA GLY B 58 20.12 9.95 11.57
C GLY B 58 18.99 9.89 10.53
N ILE B 59 17.81 9.33 10.88
CA ILE B 59 16.61 9.34 9.97
C ILE B 59 16.13 10.76 9.88
N GLY B 60 15.90 11.27 8.68
CA GLY B 60 15.54 12.68 8.45
C GLY B 60 14.10 13.01 8.75
N GLU B 61 13.16 12.05 8.59
CA GLU B 61 11.71 12.37 8.57
C GLU B 61 10.94 11.12 8.97
N VAL B 62 9.94 11.30 9.84
CA VAL B 62 9.10 10.22 10.37
C VAL B 62 7.67 10.75 10.34
N THR B 63 6.74 9.98 9.80
CA THR B 63 5.30 10.32 9.86
C THR B 63 4.58 9.28 10.68
N PHE B 64 3.90 9.72 11.73
CA PHE B 64 3.06 8.85 12.58
C PHE B 64 1.61 8.93 12.11
N PHE B 65 0.98 7.79 11.95
CA PHE B 65 -0.50 7.71 11.78
C PHE B 65 -1.12 7.82 13.20
N GLY B 66 -1.76 8.95 13.51
CA GLY B 66 -2.35 9.23 14.83
C GLY B 66 -3.75 8.66 14.93
N PHE B 67 -4.67 9.19 14.14
CA PHE B 67 -6.02 8.59 14.04
C PHE B 67 -6.72 9.13 12.81
N THR B 68 -7.64 8.32 12.32
CA THR B 68 -8.48 8.61 11.16
C THR B 68 -9.80 9.24 11.58
N GLN B 69 -10.47 9.83 10.60
CA GLN B 69 -11.88 10.22 10.74
C GLN B 69 -12.75 9.02 11.15
N ASP B 70 -12.55 7.84 10.60
CA ASP B 70 -13.40 6.66 10.96
C ASP B 70 -13.19 6.31 12.44
N ASN B 71 -11.98 6.48 12.95
CA ASN B 71 -11.66 6.12 14.36
C ASN B 71 -12.47 7.00 15.33
N THR B 72 -12.92 8.17 14.90
CA THR B 72 -13.62 9.10 15.84
C THR B 72 -15.01 8.52 16.15
N LYS B 73 -15.48 7.55 15.37
CA LYS B 73 -16.83 6.95 15.58
C LYS B 73 -16.76 5.88 16.68
N ARG B 74 -15.55 5.57 17.19
CA ARG B 74 -15.37 4.59 18.28
C ARG B 74 -16.02 5.15 19.53
N PRO B 75 -16.28 4.33 20.56
CA PRO B 75 -16.82 4.82 21.82
C PRO B 75 -15.99 5.97 22.41
N GLN B 76 -16.66 6.94 23.02
CA GLN B 76 -16.08 8.22 23.48
C GLN B 76 -14.86 7.97 24.37
N ILE B 77 -14.95 6.98 25.27
CA ILE B 77 -13.86 6.71 26.25
C ILE B 77 -12.59 6.30 25.49
N GLN B 78 -12.73 5.58 24.38
CA GLN B 78 -11.58 5.27 23.49
C GLN B 78 -11.09 6.51 22.77
N ARG B 79 -11.99 7.31 22.17
CA ARG B 79 -11.61 8.54 21.44
C ARG B 79 -10.87 9.52 22.34
N LYS B 80 -11.39 9.80 23.54
CA LYS B 80 -10.73 10.79 24.43
C LYS B 80 -9.32 10.30 24.76
N ALA B 81 -9.16 9.00 24.94
CA ALA B 81 -7.83 8.43 25.28
C ALA B 81 -6.86 8.54 24.10
N PHE B 82 -7.28 8.14 22.90
CA PHE B 82 -6.31 8.16 21.77
C PHE B 82 -6.02 9.62 21.35
N VAL B 83 -7.01 10.51 21.43
CA VAL B 83 -6.75 11.94 21.12
C VAL B 83 -5.77 12.49 22.14
N ASP B 84 -6.05 12.24 23.41
CA ASP B 84 -5.20 12.69 24.52
C ASP B 84 -3.75 12.22 24.32
N ALA B 85 -3.58 10.96 23.97
CA ALA B 85 -2.23 10.40 23.72
C ALA B 85 -1.53 11.08 22.54
N CYS B 86 -2.24 11.35 21.44
CA CYS B 86 -1.63 12.08 20.30
C CYS B 86 -1.15 13.47 20.76
N ILE B 87 -2.04 14.19 21.46
CA ILE B 87 -1.67 15.56 21.91
C ILE B 87 -0.41 15.42 22.78
N LYS B 88 -0.42 14.49 23.72
CA LYS B 88 0.73 14.33 24.66
C LYS B 88 2.01 14.04 23.86
N SER B 89 1.93 13.17 22.87
CA SER B 89 3.08 12.81 22.00
C SER B 89 3.60 14.07 21.31
N VAL B 90 2.73 14.85 20.70
CA VAL B 90 3.15 16.07 19.95
C VAL B 90 3.80 17.05 20.93
N LYS B 91 3.15 17.30 22.06
CA LYS B 91 3.67 18.28 23.05
C LYS B 91 5.07 17.86 23.53
N GLU B 92 5.24 16.59 23.84
CA GLU B 92 6.53 16.08 24.35
C GLU B 92 7.63 16.22 23.29
N LEU B 93 7.34 15.83 22.05
CA LEU B 93 8.34 15.95 20.97
C LEU B 93 8.70 17.44 20.79
N SER B 94 7.73 18.33 21.01
CA SER B 94 7.97 19.80 20.91
C SER B 94 9.08 20.22 21.88
N LYS B 95 9.32 19.42 22.91
CA LYS B 95 10.33 19.75 23.93
C LYS B 95 11.67 19.11 23.57
N HIS B 96 11.75 18.38 22.46
CA HIS B 96 13.01 17.64 22.17
C HIS B 96 13.56 17.81 20.76
N ASP B 97 13.61 19.01 20.19
CA ASP B 97 14.33 19.22 18.90
C ASP B 97 13.64 18.67 17.64
N ALA B 98 12.34 18.47 17.68
CA ALA B 98 11.62 18.01 16.48
C ALA B 98 11.06 19.17 15.66
N GLU B 99 11.04 19.03 14.34
CA GLU B 99 10.33 20.00 13.47
C GLU B 99 8.97 19.34 13.30
N LEU B 100 7.89 19.92 13.85
CA LEU B 100 6.59 19.20 13.88
C LEU B 100 5.56 19.70 12.89
N LEU B 101 4.82 18.77 12.30
CA LEU B 101 3.71 19.14 11.43
C LEU B 101 2.56 18.19 11.72
N VAL B 102 1.35 18.74 11.90
CA VAL B 102 0.12 17.93 12.06
C VAL B 102 -0.72 18.18 10.81
N VAL B 103 -1.13 17.10 10.13
CA VAL B 103 -2.00 17.14 8.94
C VAL B 103 -3.29 16.38 9.30
N GLY B 104 -4.42 17.02 9.09
CA GLY B 104 -5.73 16.40 9.25
C GLY B 104 -6.84 17.42 9.04
N ASN B 105 -8.07 16.94 9.11
CA ASN B 105 -9.24 17.76 8.72
C ASN B 105 -9.58 18.71 9.87
N THR B 106 -9.15 19.96 9.77
CA THR B 106 -9.33 20.93 10.88
C THR B 106 -10.75 21.48 10.80
N ASN B 107 -11.42 21.30 9.67
CA ASN B 107 -12.81 21.79 9.49
C ASN B 107 -13.80 20.80 10.10
N SER B 108 -13.49 20.31 11.28
CA SER B 108 -14.21 19.19 11.96
C SER B 108 -14.08 19.42 13.45
N ASP B 109 -15.17 19.16 14.18
CA ASP B 109 -15.21 19.21 15.67
C ASP B 109 -14.31 18.12 16.25
N MET B 110 -13.87 17.16 15.44
CA MET B 110 -13.04 16.03 15.90
C MET B 110 -11.53 16.34 15.72
N PHE B 111 -11.16 17.47 15.13
CA PHE B 111 -9.75 17.91 15.09
C PHE B 111 -9.40 18.46 16.47
N PRO B 112 -8.40 17.92 17.16
CA PRO B 112 -8.07 18.37 18.52
C PRO B 112 -7.57 19.83 18.48
N LYS B 113 -8.30 20.72 19.14
CA LYS B 113 -7.97 22.17 19.07
C LYS B 113 -6.51 22.38 19.55
N GLU B 114 -5.98 21.53 20.44
CA GLU B 114 -4.63 21.74 21.04
C GLU B 114 -3.57 21.52 19.95
N LEU B 115 -3.92 20.93 18.81
CA LEU B 115 -2.93 20.69 17.72
C LEU B 115 -3.06 21.68 16.57
N LEU B 116 -3.90 22.71 16.66
CA LEU B 116 -4.04 23.74 15.62
C LEU B 116 -2.74 24.55 15.53
N ALA B 117 -1.94 24.56 16.59
CA ALA B 117 -0.66 25.32 16.58
C ALA B 117 0.36 24.65 15.67
N TYR B 118 0.09 23.45 15.13
CA TYR B 118 1.12 22.65 14.46
C TYR B 118 0.73 22.41 13.00
N THR B 119 -0.30 23.05 12.47
CA THR B 119 -0.76 22.76 11.07
C THR B 119 0.12 23.46 10.03
N LYS B 120 1.09 24.27 10.47
CA LYS B 120 2.20 24.75 9.59
C LYS B 120 3.49 24.28 10.26
N ARG B 121 4.36 23.65 9.48
CA ARG B 121 5.55 22.98 10.02
C ARG B 121 6.32 23.98 10.91
N THR B 122 6.63 23.59 12.14
CA THR B 122 7.28 24.43 13.18
C THR B 122 8.55 23.76 13.72
N LYS B 123 9.69 24.46 13.67
CA LYS B 123 10.98 23.97 14.23
C LYS B 123 11.00 24.16 15.75
N PHE B 124 11.21 23.09 16.51
CA PHE B 124 11.54 23.16 17.95
C PHE B 124 13.00 22.73 18.20
N GLY B 125 13.64 23.39 19.18
CA GLY B 125 15.07 23.12 19.46
C GLY B 125 15.88 23.16 18.17
N LYS B 126 16.75 22.18 18.00
CA LYS B 126 17.73 22.09 16.88
C LYS B 126 17.03 21.49 15.66
N GLY B 127 15.75 21.08 15.77
CA GLY B 127 15.06 20.55 14.57
C GLY B 127 15.88 19.43 13.98
N LYS B 128 16.19 18.42 14.79
CA LYS B 128 17.08 17.30 14.40
C LYS B 128 16.36 16.39 13.38
N VAL B 129 15.03 16.32 13.43
CA VAL B 129 14.22 15.38 12.59
C VAL B 129 12.87 16.05 12.32
N ARG B 130 12.33 15.84 11.12
CA ARG B 130 10.96 16.23 10.71
C ARG B 130 10.00 15.15 11.16
N ILE B 131 9.08 15.51 12.03
CA ILE B 131 8.09 14.55 12.55
C ILE B 131 6.72 15.07 12.11
N ASN B 132 5.97 14.22 11.44
CA ASN B 132 4.60 14.54 10.97
C ASN B 132 3.62 13.62 11.70
N PHE B 133 2.42 14.15 12.00
CA PHE B 133 1.33 13.37 12.62
C PHE B 133 0.07 13.55 11.80
N LEU B 134 -0.55 12.45 11.46
CA LEU B 134 -1.89 12.46 10.83
C LEU B 134 -2.92 12.37 11.92
N VAL B 135 -3.78 13.39 11.99
CA VAL B 135 -4.76 13.52 13.09
C VAL B 135 -6.10 13.89 12.48
N ASN B 136 -7.15 13.09 12.74
CA ASN B 136 -8.46 13.29 12.10
C ASN B 136 -8.26 13.27 10.59
N TYR B 137 -7.47 12.29 10.13
CA TYR B 137 -7.02 12.12 8.74
C TYR B 137 -7.95 11.14 8.01
N GLY B 138 -8.23 11.42 6.74
CA GLY B 138 -8.78 10.39 5.83
C GLY B 138 -8.24 10.58 4.43
N TRP B 139 -8.03 9.47 3.75
CA TRP B 139 -7.42 9.44 2.40
C TRP B 139 -8.32 10.22 1.48
N TYR B 140 -9.63 10.08 1.60
CA TYR B 140 -10.54 10.72 0.62
C TYR B 140 -10.52 12.25 0.78
N TRP B 141 -10.65 12.70 2.03
CA TRP B 141 -10.43 14.12 2.39
C TRP B 141 -9.10 14.62 1.83
N ASP B 142 -8.05 13.82 1.95
CA ASP B 142 -6.68 14.24 1.53
C ASP B 142 -6.68 14.48 0.01
N LEU B 143 -7.12 13.50 -0.74
CA LEU B 143 -6.96 13.55 -2.21
C LEU B 143 -7.88 14.64 -2.80
N THR B 144 -9.11 14.74 -2.28
CA THR B 144 -10.18 15.65 -2.79
C THR B 144 -9.89 17.08 -2.35
N TYR B 145 -9.00 17.30 -1.37
CA TYR B 145 -8.59 18.64 -0.88
C TYR B 145 -8.18 19.45 -2.11
N ALA B 146 -7.48 18.74 -3.00
CA ALA B 146 -6.89 19.09 -4.31
C ALA B 146 -7.96 19.64 -5.29
N ASP B 152 -5.30 23.39 -12.62
CA ASP B 152 -4.92 22.24 -13.49
C ASP B 152 -4.69 21.01 -12.61
N SER B 153 -4.60 19.82 -13.24
CA SER B 153 -4.56 18.49 -12.56
C SER B 153 -3.21 18.29 -11.84
N LYS B 154 -2.14 18.93 -12.31
CA LYS B 154 -0.83 18.99 -11.61
C LYS B 154 -0.95 19.80 -10.31
N LYS B 155 -1.53 21.01 -10.39
CA LYS B 155 -1.75 21.89 -9.20
C LYS B 155 -2.65 21.14 -8.21
N MET B 156 -3.46 20.22 -8.71
CA MET B 156 -4.35 19.42 -7.84
C MET B 156 -3.51 18.43 -7.02
N ILE B 157 -2.73 17.57 -7.67
CA ILE B 157 -1.98 16.55 -6.87
C ILE B 157 -0.90 17.21 -5.99
N GLU B 158 -0.33 18.35 -6.39
CA GLU B 158 0.64 19.17 -5.59
C GLU B 158 -0.08 19.83 -4.41
N ASN B 159 -1.41 19.84 -4.44
CA ASN B 159 -2.26 20.56 -3.47
C ASN B 159 -3.23 19.59 -2.79
N ILE B 160 -2.91 18.28 -2.72
CA ILE B 160 -3.56 17.38 -1.75
C ILE B 160 -3.31 17.93 -0.34
N ALA B 161 -4.16 17.56 0.61
CA ALA B 161 -4.05 18.13 1.98
C ALA B 161 -2.68 17.83 2.59
N SER B 162 -2.09 16.68 2.28
CA SER B 162 -0.82 16.15 2.86
C SER B 162 0.38 16.52 1.98
N ALA B 163 0.26 17.55 1.13
CA ALA B 163 1.29 17.88 0.12
C ALA B 163 2.64 18.20 0.79
N GLU B 164 2.66 18.70 2.04
CA GLU B 164 3.92 19.00 2.75
C GLU B 164 4.58 17.73 3.29
N ILE B 165 3.93 16.56 3.19
CA ILE B 165 4.53 15.26 3.59
C ILE B 165 5.08 14.61 2.33
N PRO B 166 6.41 14.37 2.26
CA PRO B 166 6.98 13.83 1.03
C PRO B 166 6.79 12.30 0.95
N ARG B 167 7.20 11.78 -0.19
CA ARG B 167 7.17 10.33 -0.46
C ARG B 167 7.80 9.57 0.71
N ILE B 168 7.20 8.44 1.04
CA ILE B 168 7.67 7.54 2.13
C ILE B 168 8.53 6.44 1.50
N ASP B 169 9.71 6.20 2.09
CA ASP B 169 10.67 5.14 1.65
C ASP B 169 10.29 3.80 2.29
N LEU B 170 10.00 3.83 3.58
CA LEU B 170 9.77 2.63 4.39
C LEU B 170 8.58 2.91 5.31
N LEU B 171 7.62 2.00 5.31
CA LEU B 171 6.45 2.08 6.21
C LEU B 171 6.53 0.88 7.13
N ILE B 172 6.50 1.16 8.42
CA ILE B 172 6.56 0.14 9.47
C ILE B 172 5.22 0.15 10.20
N ARG B 173 4.61 -1.02 10.29
CA ARG B 173 3.31 -1.15 10.99
C ARG B 173 3.41 -2.20 12.07
N TRP B 174 3.00 -1.83 13.28
CA TRP B 174 2.86 -2.75 14.44
C TRP B 174 1.46 -3.36 14.40
N GLY B 175 1.25 -4.44 15.17
CA GLY B 175 -0.05 -5.10 15.36
C GLY B 175 -0.35 -6.18 14.33
N GLY B 176 0.56 -6.46 13.39
CA GLY B 176 0.55 -7.67 12.53
C GLY B 176 -0.40 -7.59 11.35
N ARG B 177 -1.13 -6.48 11.19
CA ARG B 177 -2.00 -6.34 9.99
C ARG B 177 -1.17 -5.86 8.79
N ARG B 178 -1.35 -6.50 7.65
CA ARG B 178 -0.59 -6.17 6.42
C ARG B 178 -1.47 -5.31 5.51
N ARG B 179 -1.66 -4.05 5.88
CA ARG B 179 -2.47 -3.10 5.09
C ARG B 179 -2.08 -1.66 5.45
N LEU B 180 -2.50 -0.70 4.62
CA LEU B 180 -2.12 0.73 4.83
C LEU B 180 -3.18 1.51 5.64
N SER B 181 -4.40 0.98 5.75
CA SER B 181 -5.50 1.69 6.47
C SER B 181 -5.67 3.11 5.88
N GLY B 182 -5.41 3.28 4.59
CA GLY B 182 -5.60 4.52 3.84
C GLY B 182 -4.59 5.57 4.27
N MET B 183 -3.43 5.16 4.77
CA MET B 183 -2.37 6.14 5.12
C MET B 183 -1.77 6.69 3.81
N LEU B 184 -2.00 7.98 3.51
CA LEU B 184 -1.22 8.75 2.51
C LEU B 184 -1.04 7.95 1.23
N PRO B 185 -2.13 7.68 0.52
CA PRO B 185 -2.03 6.87 -0.71
C PRO B 185 -1.04 7.44 -1.72
N VAL B 186 -0.88 8.77 -1.88
CA VAL B 186 0.07 9.28 -2.89
C VAL B 186 1.51 8.94 -2.42
N GLN B 187 1.81 9.21 -1.15
CA GLN B 187 3.21 9.08 -0.65
C GLN B 187 3.63 7.63 -0.43
N THR B 188 2.71 6.66 -0.38
CA THR B 188 3.00 5.21 -0.13
C THR B 188 2.98 4.35 -1.40
N VAL B 189 2.87 4.95 -2.57
CA VAL B 189 2.79 4.19 -3.86
C VAL B 189 3.98 3.22 -4.01
N TYR B 190 5.19 3.62 -3.63
CA TYR B 190 6.40 2.80 -3.83
C TYR B 190 7.01 2.36 -2.49
N SER B 191 6.41 2.68 -1.37
CA SER B 191 7.06 2.44 -0.04
C SER B 191 7.27 0.94 0.16
N ASP B 192 8.42 0.56 0.70
CA ASP B 192 8.64 -0.82 1.18
C ASP B 192 7.95 -0.93 2.55
N ILE B 193 7.24 -2.03 2.78
CA ILE B 193 6.36 -2.21 3.95
C ILE B 193 6.95 -3.29 4.83
N TYR B 194 7.10 -2.97 6.11
CA TYR B 194 7.57 -3.93 7.11
C TYR B 194 6.53 -3.99 8.23
N VAL B 195 6.12 -5.21 8.57
CA VAL B 195 5.07 -5.44 9.57
C VAL B 195 5.67 -6.16 10.77
N VAL B 196 5.48 -5.57 11.92
CA VAL B 196 5.86 -6.14 13.25
C VAL B 196 4.60 -6.82 13.78
N ASP B 197 4.70 -8.08 14.21
CA ASP B 197 3.54 -8.83 14.74
C ASP B 197 3.14 -8.26 16.10
N GLU B 198 4.10 -7.80 16.91
CA GLU B 198 3.77 -7.24 18.25
C GLU B 198 2.93 -5.98 18.15
N MET B 199 2.06 -5.80 19.14
CA MET B 199 1.23 -4.58 19.24
C MET B 199 2.15 -3.40 19.54
N TRP B 200 1.73 -2.21 19.15
CA TRP B 200 2.52 -0.96 19.28
C TRP B 200 3.03 -0.74 20.71
N PRO B 201 2.26 -0.90 21.81
CA PRO B 201 2.87 -0.64 23.13
C PRO B 201 4.02 -1.60 23.51
N ASP B 202 4.16 -2.72 22.80
CA ASP B 202 5.29 -3.71 22.96
C ASP B 202 6.47 -3.36 22.04
N PHE B 203 6.51 -2.15 21.50
CA PHE B 203 7.65 -1.61 20.71
C PHE B 203 8.97 -1.93 21.42
N LYS B 204 9.93 -2.40 20.65
CA LYS B 204 11.36 -2.47 21.06
C LYS B 204 12.20 -1.93 19.94
N PRO B 205 13.41 -1.43 20.30
CA PRO B 205 14.38 -1.01 19.31
C PRO B 205 14.59 -2.02 18.18
N GLU B 206 14.66 -3.30 18.54
CA GLU B 206 14.97 -4.36 17.56
C GLU B 206 13.89 -4.34 16.47
N HIS B 207 12.64 -3.95 16.76
CA HIS B 207 11.58 -3.87 15.71
C HIS B 207 12.03 -2.90 14.62
N LEU B 208 12.44 -1.69 15.00
CA LEU B 208 12.94 -0.69 14.04
C LEU B 208 14.23 -1.21 13.37
N PHE B 209 15.19 -1.74 14.14
CA PHE B 209 16.44 -2.26 13.54
C PHE B 209 16.09 -3.31 12.47
N ASN B 210 15.19 -4.24 12.78
CA ASN B 210 14.78 -5.32 11.85
C ASN B 210 14.21 -4.70 10.57
N ALA B 211 13.41 -3.65 10.70
CA ALA B 211 12.77 -3.00 9.54
C ALA B 211 13.85 -2.29 8.69
N LEU B 212 14.88 -1.77 9.35
CA LEU B 212 15.97 -1.06 8.62
C LEU B 212 16.93 -2.06 7.95
N GLU B 213 17.15 -3.22 8.55
CA GLU B 213 17.93 -4.29 7.89
C GLU B 213 17.18 -4.73 6.63
N PHE B 214 15.86 -4.88 6.73
CA PHE B 214 14.96 -5.25 5.61
C PHE B 214 15.09 -4.19 4.52
N TYR B 215 15.01 -2.92 4.88
CA TYR B 215 15.01 -1.81 3.90
C TYR B 215 16.35 -1.80 3.13
N GLN B 216 17.48 -1.96 3.84
CA GLN B 216 18.81 -1.79 3.19
C GLN B 216 19.00 -3.01 2.28
N ASP B 217 18.32 -4.11 2.53
CA ASP B 217 18.43 -5.34 1.69
C ASP B 217 17.53 -5.23 0.47
N GLN B 218 16.66 -4.21 0.36
CA GLN B 218 15.84 -4.01 -0.86
C GLN B 218 16.67 -3.19 -1.88
C1 DMA C . 7.37 -7.86 -13.62
O1 DMA C . 8.63 -8.49 -13.62
C2 DMA C . 6.96 -7.50 -15.01
C3 DMA C . 6.89 -6.27 -15.45
C4 DMA C . 6.33 -5.91 -16.80
C5 DMA C . 7.38 -5.10 -14.65
PA DMA C . 9.94 -7.60 -13.82
O1A DMA C . 10.19 -7.38 -15.26
O2A DMA C . 9.83 -6.39 -12.96
O3A DMA C . 11.07 -8.57 -13.22
PB DMA C . 12.11 -8.30 -12.01
O1B DMA C . 12.75 -9.60 -11.73
O2B DMA C . 13.06 -7.27 -12.53
O3B DMA C . 11.31 -7.80 -10.87
C1 DMA D . 5.87 -4.24 -10.46
O1 DMA D . 6.56 -3.34 -11.32
C2 DMA D . 5.27 -5.36 -11.24
C3 DMA D . 4.50 -5.27 -12.31
C4 DMA D . 4.11 -3.97 -12.93
C5 DMA D . 3.94 -6.49 -12.98
PA DMA D . 8.11 -3.07 -11.06
O1A DMA D . 8.85 -4.36 -10.97
O2A DMA D . 8.50 -2.07 -12.09
O3A DMA D . 8.08 -2.34 -9.64
PB DMA D . 9.15 -2.05 -8.48
O1B DMA D . 10.36 -1.53 -9.14
O2B DMA D . 8.49 -1.07 -7.58
O3B DMA D . 9.38 -3.36 -7.82
MG MG E . 10.20 -5.90 -10.89
S SO4 F . 16.87 0.69 -26.06
O1 SO4 F . 16.93 -0.74 -25.99
O2 SO4 F . 17.25 1.12 -27.39
O3 SO4 F . 15.52 1.15 -25.80
O4 SO4 F . 17.76 1.25 -25.09
S SO4 G . 6.50 -12.26 6.53
O1 SO4 G . 7.56 -12.97 5.88
O2 SO4 G . 5.27 -12.43 5.79
O3 SO4 G . 6.32 -12.78 7.86
O4 SO4 G . 6.83 -10.87 6.61
S SO4 H . -14.23 4.48 3.25
O1 SO4 H . -14.79 3.14 3.08
O2 SO4 H . -13.32 4.80 2.19
O3 SO4 H . -15.33 5.44 3.23
O4 SO4 H . -13.52 4.54 4.54
C1 DMA I . -4.38 1.96 16.84
O1 DMA I . -4.71 0.90 17.73
C2 DMA I . -4.91 3.26 17.37
C3 DMA I . -5.85 3.98 16.78
C4 DMA I . -6.18 5.37 17.21
C5 DMA I . -6.67 3.46 15.64
PA DMA I . -6.22 0.39 17.81
O1A DMA I . -6.78 0.23 16.43
O2A DMA I . -6.98 1.26 18.75
O3A DMA I . -6.03 -1.05 18.45
PB DMA I . -6.46 -2.49 17.92
O1B DMA I . -5.90 -2.62 16.54
O2B DMA I . -5.83 -3.46 18.88
O3B DMA I . -7.95 -2.51 17.95
C1 DMA J . -4.97 2.04 11.66
O1 DMA J . -6.23 2.14 12.33
C2 DMA J . -4.02 2.56 12.65
C3 DMA J . -3.90 3.76 13.14
C4 DMA J . -4.69 4.95 12.69
C5 DMA J . -2.93 4.06 14.22
PA DMA J . -7.26 0.93 12.36
O1A DMA J . -7.05 -0.06 13.46
O2A DMA J . -8.38 1.89 12.30
O3A DMA J . -7.22 0.28 10.90
PB DMA J . -7.65 -1.14 10.34
O1B DMA J . -7.39 -1.04 8.85
O2B DMA J . -9.07 -1.28 10.65
O3B DMA J . -6.86 -2.16 11.03
MG MG K . -6.44 -1.20 14.86
S SO4 L . 7.11 8.86 -10.25
O1 SO4 L . 7.20 7.50 -10.77
O2 SO4 L . 7.05 9.83 -11.33
O3 SO4 L . 5.90 8.96 -9.46
O4 SO4 L . 8.27 9.16 -9.44
S SO4 M . -13.35 -0.40 15.22
O1 SO4 M . -12.14 -1.19 15.18
O2 SO4 M . -14.33 -1.00 14.33
O3 SO4 M . -13.90 -0.38 16.57
O4 SO4 M . -13.08 0.93 14.78
#